data_7BDP
#
_entry.id   7BDP
#
_cell.length_a   81.989
_cell.length_b   111.691
_cell.length_c   62.463
_cell.angle_alpha   90.000
_cell.angle_beta   90.000
_cell.angle_gamma   90.000
#
_symmetry.space_group_name_H-M   'C 2 2 21'
#
loop_
_entity.id
_entity.type
_entity.pdbx_description
1 polymer '14-3-3 protein sigma'
2 polymer 'Peptidyl-prolyl cis-trans isomerase NIMA-interacting 1'
3 non-polymer 2-chloranyl-4-(2-phenylimidazol-1-yl)benzaldehyde
4 non-polymer 'MAGNESIUM ION'
5 water water
#
loop_
_entity_poly.entity_id
_entity_poly.type
_entity_poly.pdbx_seq_one_letter_code
_entity_poly.pdbx_strand_id
1 'polypeptide(L)'
;AMGSMERASLIQKAKLAEQAERYEDMAAFMKGAVEKGEELS(CSO)EERNLLSVAYKNVVGGQRAAWRVLSSIEQKSNEE
GSEEKGPEVREYREKVETELQGVCDTVLGLLDSHLIKEAGDAESRVFYLKMKGDYYRYLAEVATGDDKKRIIDSARSAYQ
EAMDISKKEMPPTNPIRLGLALNFSVFHYEIANSPEEAISLAKTTFDEAMADLHTLSEDSYKDSTLIMQLLRDNLTLWTA
DNAGEEGGEAPQEPQS
;
A
2 'polypeptide(L)' LVKHSQSRRPS(SEP)WRQEK P
#
loop_
_chem_comp.id
_chem_comp.type
_chem_comp.name
_chem_comp.formula
MG non-polymer 'MAGNESIUM ION' 'Mg 2'
TJB non-polymer 2-chloranyl-4-(2-phenylimidazol-1-yl)benzaldehyde 'C16 H11 Cl N2 O'
#
# COMPACT_ATOMS: atom_id res chain seq x y z
N ALA A 1 -7.50 -21.34 -5.80
CA ALA A 1 -7.75 -21.94 -7.11
C ALA A 1 -6.44 -22.25 -7.82
N MET A 2 -5.34 -21.73 -7.26
CA MET A 2 -4.01 -21.87 -7.87
C MET A 2 -3.20 -22.99 -7.24
N GLY A 3 -3.83 -23.83 -6.43
CA GLY A 3 -3.08 -24.84 -5.69
C GLY A 3 -2.39 -25.87 -6.57
N SER A 4 -2.89 -26.09 -7.78
N SER A 4 -2.90 -26.09 -7.77
CA SER A 4 -2.30 -27.11 -8.64
CA SER A 4 -2.32 -27.09 -8.66
C SER A 4 -1.16 -26.58 -9.51
C SER A 4 -1.10 -26.59 -9.42
N MET A 5 -0.88 -25.28 -9.48
CA MET A 5 0.22 -24.72 -10.26
C MET A 5 1.49 -24.59 -9.42
N GLU A 6 2.63 -24.91 -10.04
CA GLU A 6 3.93 -24.74 -9.42
C GLU A 6 4.14 -23.30 -8.97
N ARG A 7 4.83 -23.13 -7.84
CA ARG A 7 5.19 -21.79 -7.39
C ARG A 7 5.93 -21.00 -8.47
N ALA A 8 6.93 -21.61 -9.09
CA ALA A 8 7.72 -20.87 -10.08
C ALA A 8 6.85 -20.46 -11.27
N SER A 9 5.91 -21.31 -11.66
CA SER A 9 5.00 -20.98 -12.75
C SER A 9 4.05 -19.84 -12.36
N LEU A 10 3.55 -19.83 -11.12
CA LEU A 10 2.75 -18.70 -10.66
C LEU A 10 3.54 -17.39 -10.72
N ILE A 11 4.81 -17.42 -10.30
CA ILE A 11 5.62 -16.21 -10.34
C ILE A 11 5.82 -15.77 -11.80
N GLN A 12 6.18 -16.72 -12.67
CA GLN A 12 6.39 -16.38 -14.07
C GLN A 12 5.12 -15.79 -14.69
N LYS A 13 3.97 -16.39 -14.39
CA LYS A 13 2.71 -15.88 -14.92
C LYS A 13 2.35 -14.51 -14.34
N ALA A 14 2.68 -14.25 -13.06
CA ALA A 14 2.46 -12.91 -12.53
C ALA A 14 3.25 -11.87 -13.33
N LYS A 15 4.50 -12.19 -13.69
CA LYS A 15 5.29 -11.25 -14.48
C LYS A 15 4.69 -11.05 -15.87
N LEU A 16 4.16 -12.12 -16.47
CA LEU A 16 3.49 -12.01 -17.77
C LEU A 16 2.22 -11.17 -17.67
N ALA A 17 1.44 -11.39 -16.61
CA ALA A 17 0.22 -10.60 -16.40
C ALA A 17 0.55 -9.13 -16.22
N GLU A 18 1.65 -8.82 -15.52
CA GLU A 18 2.05 -7.42 -15.39
C GLU A 18 2.36 -6.79 -16.75
N GLN A 19 3.10 -7.53 -17.60
CA GLN A 19 3.40 -7.02 -18.94
C GLN A 19 2.14 -6.83 -19.76
N ALA A 20 1.14 -7.68 -19.54
CA ALA A 20 -0.13 -7.61 -20.24
C ALA A 20 -1.12 -6.65 -19.59
N GLU A 21 -0.72 -5.99 -18.49
CA GLU A 21 -1.60 -5.11 -17.71
C GLU A 21 -2.88 -5.82 -17.29
N ARG A 22 -2.73 -7.09 -16.90
CA ARG A 22 -3.83 -7.91 -16.43
C ARG A 22 -3.66 -8.05 -14.93
N TYR A 23 -4.00 -6.99 -14.20
CA TYR A 23 -3.60 -6.92 -12.80
C TYR A 23 -4.44 -7.83 -11.90
N GLU A 24 -5.70 -8.10 -12.26
N GLU A 24 -5.70 -8.10 -12.26
CA GLU A 24 -6.49 -9.07 -11.50
CA GLU A 24 -6.48 -9.07 -11.49
C GLU A 24 -5.86 -10.46 -11.58
C GLU A 24 -5.86 -10.46 -11.58
N ASP A 25 -5.47 -10.87 -12.79
CA ASP A 25 -4.73 -12.13 -12.95
C ASP A 25 -3.44 -12.09 -12.14
N MET A 26 -2.70 -10.99 -12.25
CA MET A 26 -1.43 -10.85 -11.53
C MET A 26 -1.63 -11.09 -10.04
N ALA A 27 -2.67 -10.48 -9.47
CA ALA A 27 -2.93 -10.61 -8.03
C ALA A 27 -3.28 -12.04 -7.68
N ALA A 28 -4.11 -12.68 -8.50
CA ALA A 28 -4.48 -14.07 -8.24
C ALA A 28 -3.27 -14.99 -8.29
N PHE A 29 -2.38 -14.78 -9.28
CA PHE A 29 -1.15 -15.57 -9.35
C PHE A 29 -0.29 -15.36 -8.11
N MET A 30 -0.10 -14.10 -7.70
CA MET A 30 0.72 -13.83 -6.52
C MET A 30 0.07 -14.33 -5.23
N LYS A 31 -1.27 -14.27 -5.13
CA LYS A 31 -1.94 -14.89 -3.99
C LYS A 31 -1.64 -16.38 -3.95
N GLY A 32 -1.73 -17.06 -5.10
CA GLY A 32 -1.41 -18.48 -5.13
C GLY A 32 0.03 -18.76 -4.74
N ALA A 33 0.96 -17.88 -5.15
CA ALA A 33 2.35 -18.06 -4.77
C ALA A 33 2.54 -17.91 -3.26
N VAL A 34 1.92 -16.89 -2.67
CA VAL A 34 1.99 -16.72 -1.21
C VAL A 34 1.46 -17.95 -0.51
N GLU A 35 0.33 -18.48 -0.99
CA GLU A 35 -0.31 -19.63 -0.34
C GLU A 35 0.53 -20.90 -0.46
N LYS A 36 1.59 -20.89 -1.26
CA LYS A 36 2.51 -22.03 -1.21
C LYS A 36 3.21 -22.15 0.13
N GLY A 37 3.26 -21.07 0.92
CA GLY A 37 3.78 -21.12 2.27
C GLY A 37 5.23 -20.76 2.43
N GLU A 38 5.97 -20.59 1.34
CA GLU A 38 7.35 -20.16 1.44
C GLU A 38 7.43 -18.64 1.50
N GLU A 39 8.47 -18.13 2.15
CA GLU A 39 8.66 -16.69 2.22
C GLU A 39 8.86 -16.13 0.80
N LEU A 40 8.61 -14.83 0.64
CA LEU A 40 8.73 -14.18 -0.65
C LEU A 40 10.07 -13.45 -0.73
N SER A 41 10.69 -13.51 -1.90
CA SER A 41 11.90 -12.73 -2.16
C SER A 41 11.59 -11.24 -2.31
N CSO A 42 12.63 -10.42 -2.37
CA CSO A 42 12.48 -8.98 -2.59
CB CSO A 42 13.87 -8.34 -2.73
SG CSO A 42 13.76 -6.59 -3.13
C CSO A 42 11.63 -8.69 -3.84
O CSO A 42 10.66 -7.92 -3.81
OD CSO A 42 13.73 -6.37 -4.91
N GLU A 43 12.00 -9.33 -4.94
CA GLU A 43 11.30 -9.13 -6.21
C GLU A 43 9.86 -9.64 -6.14
N GLU A 44 9.66 -10.77 -5.48
CA GLU A 44 8.32 -11.35 -5.34
C GLU A 44 7.42 -10.49 -4.47
N ARG A 45 7.96 -9.92 -3.38
CA ARG A 45 7.19 -8.99 -2.58
C ARG A 45 6.72 -7.81 -3.42
N ASN A 46 7.62 -7.30 -4.27
N ASN A 46 7.62 -7.28 -4.27
CA ASN A 46 7.25 -6.18 -5.14
CA ASN A 46 7.21 -6.17 -5.12
C ASN A 46 6.15 -6.57 -6.12
C ASN A 46 6.09 -6.59 -6.08
N LEU A 47 6.19 -7.79 -6.66
CA LEU A 47 5.13 -8.24 -7.56
C LEU A 47 3.79 -8.31 -6.84
N LEU A 48 3.79 -8.86 -5.63
CA LEU A 48 2.56 -8.92 -4.84
C LEU A 48 1.99 -7.53 -4.63
N SER A 49 2.85 -6.58 -4.25
CA SER A 49 2.40 -5.23 -3.96
C SER A 49 1.85 -4.55 -5.21
N VAL A 50 2.59 -4.63 -6.31
CA VAL A 50 2.16 -3.98 -7.56
C VAL A 50 0.79 -4.52 -7.99
N ALA A 51 0.61 -5.84 -7.90
CA ALA A 51 -0.63 -6.45 -8.35
C ALA A 51 -1.83 -5.90 -7.58
N TYR A 52 -1.77 -6.00 -6.25
CA TYR A 52 -2.94 -5.58 -5.47
C TYR A 52 -3.09 -4.07 -5.46
N LYS A 53 -1.99 -3.31 -5.56
CA LYS A 53 -2.12 -1.86 -5.62
C LYS A 53 -2.86 -1.44 -6.86
N ASN A 54 -2.61 -2.11 -7.97
CA ASN A 54 -3.32 -1.78 -9.20
C ASN A 54 -4.78 -2.18 -9.12
N VAL A 55 -5.07 -3.36 -8.54
CA VAL A 55 -6.46 -3.81 -8.44
C VAL A 55 -7.24 -2.86 -7.54
N VAL A 56 -6.74 -2.62 -6.33
N VAL A 56 -6.75 -2.64 -6.32
CA VAL A 56 -7.48 -1.77 -5.40
CA VAL A 56 -7.47 -1.76 -5.40
C VAL A 56 -7.47 -0.32 -5.87
C VAL A 56 -7.50 -0.33 -5.93
N GLY A 57 -6.42 0.09 -6.61
CA GLY A 57 -6.39 1.46 -7.11
C GLY A 57 -7.52 1.73 -8.10
N GLY A 58 -7.79 0.77 -8.97
CA GLY A 58 -8.95 0.90 -9.85
C GLY A 58 -10.26 0.97 -9.09
N GLN A 59 -10.40 0.13 -8.06
CA GLN A 59 -11.61 0.15 -7.25
C GLN A 59 -11.75 1.47 -6.50
N ARG A 60 -10.63 1.98 -5.98
CA ARG A 60 -10.69 3.26 -5.27
C ARG A 60 -11.06 4.39 -6.21
N ALA A 61 -10.50 4.38 -7.42
CA ALA A 61 -10.84 5.42 -8.38
C ALA A 61 -12.31 5.36 -8.74
N ALA A 62 -12.85 4.15 -8.92
CA ALA A 62 -14.28 4.02 -9.22
C ALA A 62 -15.15 4.45 -8.05
N TRP A 63 -14.78 4.03 -6.83
CA TRP A 63 -15.53 4.43 -5.65
C TRP A 63 -15.58 5.94 -5.51
N ARG A 64 -14.47 6.62 -5.82
CA ARG A 64 -14.46 8.08 -5.71
C ARG A 64 -15.36 8.73 -6.75
N VAL A 65 -15.37 8.20 -7.98
CA VAL A 65 -16.28 8.71 -9.00
C VAL A 65 -17.72 8.55 -8.52
N LEU A 66 -18.08 7.35 -8.05
CA LEU A 66 -19.45 7.08 -7.64
C LEU A 66 -19.83 7.86 -6.39
N SER A 67 -18.91 7.95 -5.42
N SER A 67 -18.92 7.95 -5.42
CA SER A 67 -19.20 8.70 -4.20
CA SER A 67 -19.20 8.70 -4.21
C SER A 67 -19.47 10.17 -4.52
C SER A 67 -19.48 10.16 -4.53
N SER A 68 -18.73 10.73 -5.47
CA SER A 68 -18.94 12.11 -5.89
C SER A 68 -20.31 12.27 -6.53
N ILE A 69 -20.69 11.36 -7.42
CA ILE A 69 -22.02 11.38 -8.02
C ILE A 69 -23.09 11.26 -6.94
N GLU A 70 -22.87 10.36 -5.97
CA GLU A 70 -23.85 10.16 -4.91
C GLU A 70 -24.05 11.42 -4.08
N GLN A 71 -22.96 12.13 -3.79
CA GLN A 71 -23.06 13.35 -2.99
C GLN A 71 -23.82 14.44 -3.73
N LYS A 72 -23.54 14.61 -5.03
CA LYS A 72 -24.30 15.56 -5.83
C LYS A 72 -25.78 15.20 -5.85
N SER A 73 -26.11 13.91 -5.78
CA SER A 73 -27.51 13.50 -5.79
C SER A 73 -28.18 13.78 -4.44
N ASN A 74 -27.45 13.62 -3.34
CA ASN A 74 -27.99 13.79 -2.00
C ASN A 74 -27.38 15.00 -1.30
N GLY A 82 -33.09 7.93 -7.46
CA GLY A 82 -33.28 6.51 -7.18
C GLY A 82 -32.17 5.91 -6.35
N PRO A 83 -32.33 4.64 -5.96
CA PRO A 83 -31.31 3.97 -5.15
C PRO A 83 -30.07 3.53 -5.93
N GLU A 84 -30.02 3.74 -7.24
CA GLU A 84 -29.02 3.06 -8.07
C GLU A 84 -27.60 3.52 -7.75
N VAL A 85 -27.38 4.84 -7.63
CA VAL A 85 -26.02 5.31 -7.40
C VAL A 85 -25.51 4.80 -6.06
N ARG A 86 -26.35 4.89 -5.01
CA ARG A 86 -25.97 4.34 -3.72
C ARG A 86 -25.72 2.83 -3.81
N GLU A 87 -26.64 2.11 -4.46
CA GLU A 87 -26.49 0.66 -4.56
C GLU A 87 -25.19 0.30 -5.27
N TYR A 88 -24.87 1.00 -6.35
CA TYR A 88 -23.69 0.65 -7.13
C TYR A 88 -22.42 1.06 -6.39
N ARG A 89 -22.43 2.22 -5.73
CA ARG A 89 -21.31 2.58 -4.86
C ARG A 89 -21.11 1.52 -3.78
N GLU A 90 -22.19 1.04 -3.17
CA GLU A 90 -22.08 0.00 -2.17
C GLU A 90 -21.50 -1.29 -2.76
N LYS A 91 -21.86 -1.62 -3.99
CA LYS A 91 -21.33 -2.82 -4.62
C LYS A 91 -19.82 -2.71 -4.80
N VAL A 92 -19.37 -1.59 -5.37
CA VAL A 92 -17.94 -1.39 -5.58
C VAL A 92 -17.22 -1.37 -4.24
N GLU A 93 -17.84 -0.74 -3.24
CA GLU A 93 -17.28 -0.67 -1.90
C GLU A 93 -17.09 -2.06 -1.28
N THR A 94 -18.09 -2.93 -1.43
CA THR A 94 -17.98 -4.29 -0.93
C THR A 94 -16.87 -5.06 -1.65
N GLU A 95 -16.72 -4.86 -2.96
N GLU A 95 -16.74 -4.86 -2.95
CA GLU A 95 -15.67 -5.56 -3.68
CA GLU A 95 -15.69 -5.53 -3.70
C GLU A 95 -14.29 -5.06 -3.28
C GLU A 95 -14.32 -5.07 -3.24
N LEU A 96 -14.16 -3.75 -3.07
CA LEU A 96 -12.90 -3.20 -2.56
C LEU A 96 -12.58 -3.76 -1.17
N GLN A 97 -13.57 -3.81 -0.29
CA GLN A 97 -13.34 -4.34 1.05
C GLN A 97 -12.92 -5.80 0.97
N GLY A 98 -13.49 -6.55 0.03
CA GLY A 98 -13.11 -7.94 -0.12
C GLY A 98 -11.66 -8.09 -0.53
N VAL A 99 -11.20 -7.24 -1.45
CA VAL A 99 -9.79 -7.29 -1.86
C VAL A 99 -8.89 -6.90 -0.70
N CYS A 100 -9.22 -5.83 0.03
CA CYS A 100 -8.41 -5.47 1.19
C CYS A 100 -8.35 -6.60 2.21
N ASP A 101 -9.49 -7.25 2.48
CA ASP A 101 -9.51 -8.36 3.43
C ASP A 101 -8.64 -9.51 2.95
N THR A 102 -8.63 -9.77 1.63
CA THR A 102 -7.80 -10.84 1.10
C THR A 102 -6.33 -10.55 1.33
N VAL A 103 -5.90 -9.32 1.02
CA VAL A 103 -4.49 -8.94 1.23
C VAL A 103 -4.14 -9.02 2.70
N LEU A 104 -4.98 -8.43 3.56
CA LEU A 104 -4.71 -8.47 5.00
C LEU A 104 -4.65 -9.91 5.50
N GLY A 105 -5.46 -10.79 4.92
CA GLY A 105 -5.41 -12.19 5.32
C GLY A 105 -4.12 -12.86 4.92
N LEU A 106 -3.59 -12.51 3.74
CA LEU A 106 -2.27 -13.03 3.34
C LEU A 106 -1.19 -12.54 4.29
N LEU A 107 -1.26 -11.26 4.67
CA LEU A 107 -0.26 -10.73 5.60
C LEU A 107 -0.33 -11.42 6.95
N ASP A 108 -1.54 -11.71 7.42
CA ASP A 108 -1.71 -12.31 8.72
C ASP A 108 -1.50 -13.81 8.72
N SER A 109 -1.60 -14.46 7.55
CA SER A 109 -1.49 -15.91 7.42
C SER A 109 -0.64 -16.25 6.19
N HIS A 110 0.68 -16.16 6.29
CA HIS A 110 1.41 -15.90 7.53
C HIS A 110 2.63 -15.06 7.21
N LEU A 111 2.50 -14.13 6.25
CA LEU A 111 3.66 -13.40 5.76
C LEU A 111 4.37 -12.64 6.88
N ILE A 112 3.62 -11.92 7.71
CA ILE A 112 4.26 -11.06 8.69
C ILE A 112 4.99 -11.89 9.74
N LYS A 113 4.33 -12.94 10.26
CA LYS A 113 4.96 -13.67 11.35
C LYS A 113 6.22 -14.40 10.90
N GLU A 114 6.32 -14.74 9.62
CA GLU A 114 7.54 -15.39 9.16
C GLU A 114 8.59 -14.42 8.66
N ALA A 115 8.31 -13.12 8.70
CA ALA A 115 9.24 -12.11 8.16
C ALA A 115 10.19 -11.69 9.28
N GLY A 116 11.42 -12.18 9.21
CA GLY A 116 12.38 -11.92 10.27
C GLY A 116 13.33 -10.78 9.95
N ASP A 117 13.65 -10.61 8.67
CA ASP A 117 14.53 -9.53 8.27
C ASP A 117 13.78 -8.21 8.28
N ALA A 118 14.51 -7.13 8.59
CA ALA A 118 13.88 -5.81 8.63
C ALA A 118 13.25 -5.46 7.29
N GLU A 119 13.92 -5.77 6.18
CA GLU A 119 13.39 -5.39 4.87
C GLU A 119 12.05 -6.06 4.60
N SER A 120 11.93 -7.34 4.95
CA SER A 120 10.65 -8.00 4.68
C SER A 120 9.58 -7.55 5.68
N ARG A 121 9.94 -7.44 6.96
CA ARG A 121 8.93 -7.11 7.95
C ARG A 121 8.38 -5.71 7.75
N VAL A 122 9.25 -4.74 7.46
CA VAL A 122 8.78 -3.39 7.17
C VAL A 122 7.90 -3.36 5.93
N PHE A 123 8.32 -4.09 4.88
CA PHE A 123 7.52 -4.16 3.65
C PHE A 123 6.10 -4.61 3.94
N TYR A 124 5.95 -5.70 4.70
CA TYR A 124 4.62 -6.24 4.95
C TYR A 124 3.81 -5.37 5.91
N LEU A 125 4.48 -4.73 6.88
CA LEU A 125 3.74 -3.85 7.79
C LEU A 125 3.28 -2.59 7.07
N LYS A 126 4.10 -2.08 6.15
CA LYS A 126 3.64 -1.00 5.28
C LYS A 126 2.39 -1.43 4.48
N MET A 127 2.42 -2.62 3.89
CA MET A 127 1.24 -3.11 3.18
C MET A 127 0.03 -3.16 4.12
N LYS A 128 0.23 -3.67 5.33
CA LYS A 128 -0.89 -3.76 6.28
C LYS A 128 -1.45 -2.39 6.58
N GLY A 129 -0.59 -1.40 6.81
CA GLY A 129 -1.07 -0.04 7.01
C GLY A 129 -1.83 0.48 5.80
N ASP A 130 -1.30 0.22 4.60
CA ASP A 130 -1.96 0.71 3.37
C ASP A 130 -3.35 0.11 3.22
N TYR A 131 -3.50 -1.20 3.41
CA TYR A 131 -4.81 -1.79 3.13
C TYR A 131 -5.82 -1.46 4.23
N TYR A 132 -5.36 -1.26 5.47
CA TYR A 132 -6.27 -0.69 6.47
C TYR A 132 -6.62 0.76 6.11
N ARG A 133 -5.66 1.50 5.54
CA ARG A 133 -5.96 2.86 5.10
C ARG A 133 -7.05 2.86 4.03
N TYR A 134 -6.97 1.93 3.06
CA TYR A 134 -8.00 1.85 2.04
C TYR A 134 -9.35 1.47 2.63
N LEU A 135 -9.34 0.56 3.61
CA LEU A 135 -10.59 0.27 4.33
C LEU A 135 -11.10 1.53 5.03
N ALA A 136 -10.20 2.30 5.65
CA ALA A 136 -10.64 3.52 6.35
C ALA A 136 -11.23 4.55 5.41
N GLU A 137 -10.78 4.61 4.15
CA GLU A 137 -11.29 5.61 3.22
C GLU A 137 -12.79 5.46 2.99
N VAL A 138 -13.32 4.24 3.11
CA VAL A 138 -14.72 3.96 2.83
C VAL A 138 -15.52 3.68 4.10
N ALA A 139 -14.87 3.70 5.26
CA ALA A 139 -15.50 3.25 6.50
C ALA A 139 -16.40 4.33 7.09
N THR A 140 -17.53 3.90 7.67
CA THR A 140 -18.50 4.82 8.30
C THR A 140 -19.19 4.25 9.55
N GLY A 141 -18.87 3.04 9.99
CA GLY A 141 -19.65 2.36 11.00
C GLY A 141 -19.02 2.36 12.38
N ASP A 142 -19.46 1.40 13.21
CA ASP A 142 -18.97 1.28 14.59
C ASP A 142 -17.48 0.99 14.66
N ASP A 143 -16.90 0.39 13.62
CA ASP A 143 -15.52 -0.06 13.65
C ASP A 143 -14.56 0.88 12.94
N LYS A 144 -15.04 2.04 12.48
CA LYS A 144 -14.18 2.93 11.68
C LYS A 144 -12.97 3.41 12.49
N LYS A 145 -13.17 3.76 13.76
CA LYS A 145 -12.04 4.21 14.55
C LYS A 145 -11.04 3.08 14.75
N ARG A 146 -11.52 1.86 14.89
CA ARG A 146 -10.61 0.73 15.06
C ARG A 146 -9.86 0.45 13.76
N ILE A 147 -10.52 0.63 12.61
CA ILE A 147 -9.83 0.49 11.33
C ILE A 147 -8.70 1.51 11.20
N ILE A 148 -8.98 2.76 11.58
CA ILE A 148 -7.96 3.80 11.54
C ILE A 148 -6.82 3.46 12.48
N ASP A 149 -7.14 2.97 13.68
CA ASP A 149 -6.06 2.66 14.60
C ASP A 149 -5.27 1.44 14.14
N SER A 150 -5.91 0.51 13.44
CA SER A 150 -5.18 -0.62 12.89
C SER A 150 -4.17 -0.16 11.84
N ALA A 151 -4.58 0.78 10.98
CA ALA A 151 -3.63 1.35 10.03
C ALA A 151 -2.48 2.02 10.77
N ARG A 152 -2.83 2.86 11.76
N ARG A 152 -2.81 2.86 11.76
CA ARG A 152 -1.82 3.59 12.53
CA ARG A 152 -1.79 3.59 12.51
C ARG A 152 -0.81 2.64 13.17
C ARG A 152 -0.80 2.64 13.17
N SER A 153 -1.32 1.61 13.83
CA SER A 153 -0.45 0.67 14.55
C SER A 153 0.49 -0.06 13.62
N ALA A 154 0.00 -0.46 12.44
CA ALA A 154 0.85 -1.14 11.47
C ALA A 154 1.94 -0.20 10.96
N TYR A 155 1.54 1.01 10.56
CA TYR A 155 2.51 2.00 10.10
C TYR A 155 3.54 2.30 11.17
N GLN A 156 3.08 2.44 12.42
CA GLN A 156 3.98 2.81 13.52
C GLN A 156 5.02 1.74 13.78
N GLU A 157 4.60 0.47 13.80
CA GLU A 157 5.58 -0.61 13.99
C GLU A 157 6.60 -0.62 12.85
N ALA A 158 6.13 -0.45 11.62
CA ALA A 158 7.03 -0.39 10.48
C ALA A 158 8.01 0.76 10.62
N MET A 159 7.52 1.93 11.06
CA MET A 159 8.39 3.08 11.23
C MET A 159 9.46 2.80 12.28
N ASP A 160 9.04 2.23 13.42
CA ASP A 160 10.02 1.97 14.49
C ASP A 160 11.12 1.03 14.00
N ILE A 161 10.75 -0.04 13.29
CA ILE A 161 11.78 -0.94 12.76
C ILE A 161 12.66 -0.22 11.73
N SER A 162 12.03 0.53 10.81
CA SER A 162 12.81 1.14 9.73
C SER A 162 13.82 2.15 10.28
N LYS A 163 13.44 2.89 11.32
CA LYS A 163 14.34 3.88 11.88
C LYS A 163 15.52 3.21 12.59
N LYS A 164 15.30 2.02 13.16
CA LYS A 164 16.39 1.30 13.84
C LYS A 164 17.27 0.54 12.87
N GLU A 165 16.72 0.03 11.77
CA GLU A 165 17.40 -0.98 10.98
C GLU A 165 17.75 -0.56 9.56
N MET A 166 17.26 0.58 9.07
CA MET A 166 17.52 0.94 7.69
C MET A 166 18.08 2.35 7.60
N PRO A 167 18.89 2.63 6.59
CA PRO A 167 19.34 4.00 6.37
C PRO A 167 18.18 4.88 5.93
N PRO A 168 18.29 6.20 6.13
CA PRO A 168 17.18 7.10 5.80
C PRO A 168 16.82 7.17 4.33
N THR A 169 17.70 6.69 3.44
CA THR A 169 17.42 6.69 2.02
C THR A 169 16.83 5.39 1.50
N ASN A 170 16.69 4.39 2.36
CA ASN A 170 16.17 3.10 1.93
C ASN A 170 14.80 3.28 1.27
N PRO A 171 14.59 2.79 0.03
CA PRO A 171 13.31 3.09 -0.66
C PRO A 171 12.08 2.64 0.11
N ILE A 172 12.12 1.50 0.79
CA ILE A 172 10.92 1.07 1.52
C ILE A 172 10.70 1.94 2.75
N ARG A 173 11.77 2.38 3.41
CA ARG A 173 11.63 3.34 4.51
C ARG A 173 11.02 4.65 4.01
N LEU A 174 11.47 5.13 2.85
CA LEU A 174 10.94 6.38 2.28
C LEU A 174 9.49 6.23 1.87
N GLY A 175 9.16 5.13 1.18
CA GLY A 175 7.78 4.93 0.77
C GLY A 175 6.85 4.74 1.95
N LEU A 176 7.33 4.07 2.99
CA LEU A 176 6.54 3.92 4.21
C LEU A 176 6.23 5.28 4.82
N ALA A 177 7.26 6.12 4.94
CA ALA A 177 7.05 7.44 5.54
C ALA A 177 6.12 8.30 4.67
N LEU A 178 6.29 8.24 3.35
CA LEU A 178 5.37 8.89 2.43
C LEU A 178 3.92 8.47 2.70
N ASN A 179 3.67 7.16 2.78
CA ASN A 179 2.29 6.69 2.93
C ASN A 179 1.74 6.98 4.32
N PHE A 180 2.59 6.85 5.35
CA PHE A 180 2.15 7.22 6.68
C PHE A 180 1.82 8.70 6.76
N SER A 181 2.55 9.55 6.01
CA SER A 181 2.20 10.97 6.00
C SER A 181 0.88 11.21 5.32
N VAL A 182 0.60 10.46 4.26
CA VAL A 182 -0.71 10.55 3.60
C VAL A 182 -1.81 10.09 4.56
N PHE A 183 -1.55 9.02 5.31
CA PHE A 183 -2.48 8.59 6.34
C PHE A 183 -2.78 9.72 7.32
N HIS A 184 -1.73 10.38 7.83
CA HIS A 184 -1.94 11.49 8.76
C HIS A 184 -2.80 12.57 8.13
N TYR A 185 -2.51 12.93 6.88
CA TYR A 185 -3.20 14.07 6.27
C TYR A 185 -4.65 13.73 5.94
N GLU A 186 -4.86 12.59 5.27
CA GLU A 186 -6.14 12.26 4.69
C GLU A 186 -7.08 11.51 5.62
N ILE A 187 -6.54 10.70 6.51
CA ILE A 187 -7.34 9.76 7.30
C ILE A 187 -7.45 10.23 8.74
N ALA A 188 -6.33 10.58 9.36
CA ALA A 188 -6.26 10.95 10.76
C ALA A 188 -6.54 12.43 11.00
N ASN A 189 -6.78 13.21 9.94
CA ASN A 189 -7.01 14.65 10.05
C ASN A 189 -5.92 15.31 10.90
N SER A 190 -4.67 14.94 10.63
CA SER A 190 -3.51 15.46 11.34
C SER A 190 -2.55 16.06 10.33
N PRO A 191 -2.92 17.16 9.66
CA PRO A 191 -2.05 17.71 8.62
C PRO A 191 -0.70 18.17 9.14
N GLU A 192 -0.62 18.68 10.37
CA GLU A 192 0.69 19.10 10.87
C GLU A 192 1.61 17.90 11.07
N GLU A 193 1.07 16.78 11.58
CA GLU A 193 1.86 15.56 11.67
C GLU A 193 2.30 15.08 10.30
N ALA A 194 1.40 15.15 9.32
CA ALA A 194 1.74 14.75 7.95
C ALA A 194 2.89 15.59 7.40
N ILE A 195 2.82 16.90 7.59
CA ILE A 195 3.85 17.81 7.08
C ILE A 195 5.17 17.59 7.81
N SER A 196 5.13 17.45 9.13
CA SER A 196 6.35 17.23 9.91
C SER A 196 7.02 15.92 9.50
N LEU A 197 6.22 14.87 9.34
CA LEU A 197 6.81 13.60 8.93
C LEU A 197 7.45 13.70 7.56
N ALA A 198 6.75 14.32 6.59
CA ALA A 198 7.30 14.40 5.24
C ALA A 198 8.59 15.22 5.20
N LYS A 199 8.63 16.31 5.97
CA LYS A 199 9.79 17.20 5.96
C LYS A 199 10.99 16.53 6.60
N THR A 200 10.80 15.96 7.79
CA THR A 200 11.89 15.25 8.48
C THR A 200 12.41 14.08 7.65
N THR A 201 11.50 13.34 7.01
CA THR A 201 11.92 12.23 6.15
C THR A 201 12.74 12.74 4.98
N PHE A 202 12.29 13.82 4.34
CA PHE A 202 13.00 14.35 3.18
C PHE A 202 14.40 14.83 3.58
N ASP A 203 14.48 15.58 4.67
CA ASP A 203 15.74 16.19 5.09
C ASP A 203 16.75 15.13 5.51
N GLU A 204 16.31 14.10 6.24
CA GLU A 204 17.23 13.06 6.66
C GLU A 204 17.68 12.21 5.48
N ALA A 205 16.82 12.01 4.47
CA ALA A 205 17.27 11.33 3.27
C ALA A 205 18.25 12.18 2.48
N MET A 206 17.95 13.47 2.33
CA MET A 206 18.87 14.38 1.64
C MET A 206 20.28 14.27 2.19
N ALA A 207 20.42 14.24 3.52
CA ALA A 207 21.72 14.22 4.17
C ALA A 207 22.43 12.88 4.04
N ASP A 208 21.75 11.84 3.57
CA ASP A 208 22.32 10.51 3.40
C ASP A 208 22.58 10.16 1.93
N LEU A 209 22.16 11.02 0.99
CA LEU A 209 22.35 10.71 -0.44
C LEU A 209 23.82 10.52 -0.79
N HIS A 210 24.72 11.20 -0.07
CA HIS A 210 26.13 11.16 -0.46
C HIS A 210 26.71 9.76 -0.34
N THR A 211 26.05 8.87 0.40
CA THR A 211 26.55 7.52 0.59
C THR A 211 26.19 6.58 -0.55
N LEU A 212 25.37 7.01 -1.49
CA LEU A 212 24.72 6.11 -2.44
C LEU A 212 25.44 6.06 -3.78
N SER A 213 25.35 4.89 -4.41
CA SER A 213 25.64 4.74 -5.83
C SER A 213 24.65 5.52 -6.66
N GLU A 214 24.98 5.68 -7.95
CA GLU A 214 24.11 6.41 -8.87
C GLU A 214 22.74 5.74 -8.97
N ASP A 215 22.71 4.41 -9.00
CA ASP A 215 21.43 3.72 -9.14
C ASP A 215 20.58 3.82 -7.89
N SER A 216 21.21 3.68 -6.71
CA SER A 216 20.48 3.86 -5.46
C SER A 216 20.00 5.29 -5.30
N TYR A 217 20.87 6.24 -5.68
CA TYR A 217 20.49 7.65 -5.67
C TYR A 217 19.23 7.90 -6.50
N LYS A 218 19.13 7.27 -7.68
CA LYS A 218 17.95 7.46 -8.52
C LYS A 218 16.69 6.96 -7.82
N ASP A 219 16.77 5.77 -7.21
CA ASP A 219 15.62 5.21 -6.49
C ASP A 219 15.18 6.14 -5.36
N SER A 220 16.14 6.60 -4.56
CA SER A 220 15.79 7.39 -3.38
C SER A 220 15.25 8.76 -3.76
N THR A 221 15.89 9.43 -4.72
CA THR A 221 15.43 10.76 -5.08
C THR A 221 14.05 10.72 -5.74
N LEU A 222 13.70 9.62 -6.41
CA LEU A 222 12.37 9.53 -6.99
C LEU A 222 11.29 9.61 -5.91
N ILE A 223 11.49 8.91 -4.79
CA ILE A 223 10.49 8.94 -3.73
C ILE A 223 10.57 10.25 -2.94
N MET A 224 11.77 10.82 -2.81
CA MET A 224 11.87 12.13 -2.17
C MET A 224 11.06 13.17 -2.93
N GLN A 225 11.01 13.06 -4.27
CA GLN A 225 10.22 14.00 -5.05
C GLN A 225 8.74 13.89 -4.73
N LEU A 226 8.24 12.68 -4.44
CA LEU A 226 6.85 12.55 -4.04
C LEU A 226 6.60 13.22 -2.70
N LEU A 227 7.54 13.08 -1.75
CA LEU A 227 7.42 13.82 -0.50
C LEU A 227 7.38 15.32 -0.77
N ARG A 228 8.25 15.80 -1.67
CA ARG A 228 8.28 17.22 -1.98
C ARG A 228 6.96 17.67 -2.63
N ASP A 229 6.42 16.86 -3.54
CA ASP A 229 5.15 17.21 -4.17
C ASP A 229 4.06 17.39 -3.12
N ASN A 230 3.99 16.50 -2.13
CA ASN A 230 2.97 16.62 -1.11
C ASN A 230 3.20 17.86 -0.24
N LEU A 231 4.45 18.12 0.14
CA LEU A 231 4.73 19.32 0.93
C LEU A 231 4.34 20.58 0.17
N THR A 232 4.54 20.58 -1.15
CA THR A 232 4.12 21.73 -1.97
C THR A 232 2.61 21.84 -2.01
N LEU A 233 1.91 20.71 -2.09
CA LEU A 233 0.45 20.70 -2.05
C LEU A 233 -0.07 21.16 -0.68
N TRP A 234 0.63 20.82 0.39
CA TRP A 234 0.12 21.00 1.74
C TRP A 234 0.55 22.32 2.38
N THR A 235 1.52 23.03 1.81
CA THR A 235 2.05 24.24 2.43
C THR A 235 2.07 25.42 1.48
N ARG B 9 -6.03 13.39 -3.15
CA ARG B 9 -5.20 14.36 -3.88
C ARG B 9 -3.68 14.20 -3.72
N PRO B 10 -3.17 13.97 -2.50
CA PRO B 10 -1.71 13.81 -2.36
C PRO B 10 -1.24 12.48 -2.94
N SER B 11 0.06 12.41 -3.20
CA SER B 11 0.66 11.23 -3.79
C SER B 11 1.08 10.26 -2.71
N SEP B 12 0.57 9.03 -2.78
CA SEP B 12 1.13 7.95 -1.99
CB SEP B 12 0.05 6.97 -1.52
OG SEP B 12 -0.57 6.44 -2.69
C SEP B 12 2.13 7.27 -2.89
O SEP B 12 2.29 7.66 -4.05
P SEP B 12 -1.89 5.60 -2.31
O1P SEP B 12 -2.97 6.53 -1.59
O2P SEP B 12 -2.43 5.11 -3.74
O3P SEP B 12 -1.44 4.35 -1.41
N TRP B 13 2.80 6.25 -2.39
CA TRP B 13 3.83 5.65 -3.22
C TRP B 13 3.22 4.99 -4.46
N ARG B 14 3.92 5.14 -5.58
CA ARG B 14 3.47 4.58 -6.86
C ARG B 14 4.68 4.41 -7.76
N GLN B 15 4.68 3.35 -8.56
CA GLN B 15 5.80 3.03 -9.47
C GLN B 15 5.69 3.70 -10.84
C01 TJB C . 6.20 0.92 -0.96
C02 TJB C . 7.46 0.88 -1.81
C03 TJB C . 8.45 1.87 -1.72
C04 TJB C . 9.58 1.75 -2.51
C05 TJB C . 9.70 0.68 -3.39
C07 TJB C . 11.68 -0.52 -4.35
C08 TJB C . 11.52 -1.89 -3.69
C09 TJB C . 11.46 -3.01 -4.52
C10 TJB C . 11.29 -4.28 -3.95
C11 TJB C . 11.22 -4.42 -2.57
C12 TJB C . 11.29 -3.29 -1.76
C13 TJB C . 11.44 -2.03 -2.32
C15 TJB C . 12.48 1.07 -5.57
C16 TJB C . 11.37 1.54 -4.94
C17 TJB C . 8.71 -0.29 -3.46
C18 TJB C . 7.59 -0.17 -2.67
N06 TJB C . 10.88 0.56 -4.21
N14 TJB C . 12.66 -0.18 -5.19
CL1 TJB C . 6.28 -1.38 -2.73
MG MG D . 11.76 -15.86 8.14
#